data_5C5T
#
_entry.id   5C5T
#
_cell.length_a   33.790
_cell.length_b   156.950
_cell.length_c   41.240
_cell.angle_alpha   90.00
_cell.angle_beta   90.02
_cell.angle_gamma   90.00
#
_symmetry.space_group_name_H-M   'P 1 21 1'
#
loop_
_entity.id
_entity.type
_entity.pdbx_description
1 polymer 'Prolyl 4-hydroxylase'
2 non-polymer '2-OXOGLUTARIC ACID'
3 non-polymer 'ZINC ION'
4 non-polymer 'MANGANESE (II) ION'
5 water water
#
_entity_poly.entity_id   1
_entity_poly.type   'polypeptide(L)'
_entity_poly.pdbx_seq_one_letter_code
;MGSSHHHHHHSSGLVPRGSHMEGFETSDRPGVCDGKYYEKIDGFLSDIECDVLINAAIKKGLIKSEVGGATENDPIKLDP
KSRNSEQTWFMPGEHEVIDKIQKKTREFLNSKKHCIDKYNFEDVQVARYKPGQYYYHHYDGDDCDDACPKDQRLATLMVY
LKAPEEGGGGETDFPTLKTKIKPKKGTSIFFWVADPVTRKLYKETLHAGLPVKSGEKIIANQWIRAVK
;
_entity_poly.pdbx_strand_id   A,B
#
loop_
_chem_comp.id
_chem_comp.type
_chem_comp.name
_chem_comp.formula
AKG non-polymer '2-OXOGLUTARIC ACID' 'C5 H6 O5'
MN non-polymer 'MANGANESE (II) ION' 'Mn 2'
ZN non-polymer 'ZINC ION' 'Zn 2'
#
# COMPACT_ATOMS: atom_id res chain seq x y z
N GLY A 31 -22.06 35.39 -10.88
CA GLY A 31 -20.76 34.93 -10.41
C GLY A 31 -20.82 33.62 -9.65
N VAL A 32 -19.66 33.00 -9.45
CA VAL A 32 -19.61 31.75 -8.72
C VAL A 32 -20.14 31.92 -7.28
N CYS A 33 -20.70 30.84 -6.75
CA CYS A 33 -21.29 30.84 -5.40
C CYS A 33 -20.40 31.44 -4.31
N ASP A 34 -20.80 32.58 -3.76
CA ASP A 34 -20.02 33.33 -2.74
C ASP A 34 -18.56 33.67 -3.12
N GLY A 35 -18.27 33.69 -4.41
CA GLY A 35 -16.90 33.89 -4.89
C GLY A 35 -15.90 32.80 -4.60
N LYS A 36 -16.36 31.65 -4.10
CA LYS A 36 -15.48 30.59 -3.67
C LYS A 36 -15.36 29.51 -4.76
N TYR A 37 -14.44 29.68 -5.68
CA TYR A 37 -14.31 28.67 -6.75
C TYR A 37 -13.95 27.26 -6.26
N TYR A 38 -13.19 27.18 -5.18
CA TYR A 38 -12.80 25.90 -4.53
C TYR A 38 -12.75 26.11 -3.03
N GLU A 39 -12.96 25.01 -2.30
CA GLU A 39 -12.79 24.94 -0.85
C GLU A 39 -12.10 23.65 -0.54
N LYS A 40 -11.21 23.72 0.45
CA LYS A 40 -10.46 22.55 0.91
C LYS A 40 -10.94 22.17 2.28
N ILE A 41 -11.19 20.88 2.51
CA ILE A 41 -11.61 20.39 3.81
C ILE A 41 -10.66 19.31 4.30
N ASP A 42 -9.86 19.59 5.33
CA ASP A 42 -9.04 18.52 5.92
C ASP A 42 -9.90 17.56 6.75
N GLY A 43 -9.51 16.29 6.78
CA GLY A 43 -10.21 15.27 7.54
C GLY A 43 -11.62 14.97 7.10
N PHE A 44 -11.91 15.20 5.83
CA PHE A 44 -13.20 14.87 5.25
C PHE A 44 -13.48 13.37 5.44
N LEU A 45 -12.50 12.52 5.16
CA LEU A 45 -12.55 11.09 5.58
C LEU A 45 -11.49 10.81 6.59
N SER A 46 -11.72 9.85 7.51
CA SER A 46 -10.61 9.41 8.35
C SER A 46 -9.57 8.61 7.56
N ASP A 47 -8.39 8.48 8.12
CA ASP A 47 -7.34 7.69 7.50
C ASP A 47 -7.80 6.22 7.29
N ILE A 48 -8.46 5.62 8.27
CA ILE A 48 -8.79 4.20 8.08
C ILE A 48 -9.94 4.08 7.05
N GLU A 49 -10.86 5.05 6.96
CA GLU A 49 -11.88 5.09 5.90
C GLU A 49 -11.24 5.16 4.51
N CYS A 50 -10.21 6.01 4.33
CA CYS A 50 -9.48 6.01 3.06
C CYS A 50 -8.88 4.64 2.72
N ASP A 51 -8.31 3.98 3.71
CA ASP A 51 -7.66 2.70 3.44
C ASP A 51 -8.69 1.63 3.08
N VAL A 52 -9.84 1.64 3.73
CA VAL A 52 -10.89 0.68 3.46
C VAL A 52 -11.34 0.88 1.99
N LEU A 53 -11.43 2.13 1.57
CA LEU A 53 -11.89 2.41 0.21
C LEU A 53 -10.84 2.00 -0.80
N ILE A 54 -9.57 2.32 -0.55
CA ILE A 54 -8.53 1.85 -1.44
C ILE A 54 -8.56 0.34 -1.61
N ASN A 55 -8.65 -0.40 -0.51
CA ASN A 55 -8.68 -1.85 -0.61
C ASN A 55 -9.88 -2.36 -1.40
N ALA A 56 -11.05 -1.72 -1.27
CA ALA A 56 -12.25 -2.11 -2.01
C ALA A 56 -12.00 -1.85 -3.49
N ALA A 57 -11.36 -0.73 -3.82
CA ALA A 57 -11.05 -0.42 -5.23
C ALA A 57 -10.00 -1.42 -5.85
N ILE A 58 -8.99 -1.79 -5.08
CA ILE A 58 -8.00 -2.78 -5.53
C ILE A 58 -8.72 -4.09 -5.81
N LYS A 59 -9.65 -4.50 -4.94
CA LYS A 59 -10.40 -5.74 -5.16
C LYS A 59 -11.25 -5.72 -6.45
N LYS A 60 -11.58 -4.52 -6.93
CA LYS A 60 -12.31 -4.34 -8.20
C LYS A 60 -11.40 -4.21 -9.41
N GLY A 61 -10.09 -4.29 -9.21
CA GLY A 61 -9.14 -4.33 -10.30
C GLY A 61 -8.37 -3.05 -10.53
N LEU A 62 -8.39 -2.14 -9.57
CA LEU A 62 -7.79 -0.80 -9.80
C LEU A 62 -6.37 -0.88 -10.35
N ILE A 63 -5.57 -1.82 -9.85
CA ILE A 63 -4.15 -1.84 -10.25
C ILE A 63 -3.95 -2.66 -11.54
N PRO A 80 0.05 11.80 -24.44
CA PRO A 80 0.88 12.98 -24.13
C PRO A 80 0.01 14.03 -23.50
N LYS A 81 -1.11 14.31 -24.13
CA LYS A 81 -2.08 15.19 -23.54
C LYS A 81 -2.71 14.51 -22.34
N SER A 82 -3.95 14.07 -22.49
CA SER A 82 -4.90 14.02 -21.38
C SER A 82 -4.57 13.03 -20.25
N ARG A 83 -5.44 12.04 -20.07
CA ARG A 83 -5.47 11.27 -18.84
C ARG A 83 -4.66 10.01 -18.95
N ASN A 84 -3.82 9.83 -17.93
CA ASN A 84 -2.90 8.72 -17.85
C ASN A 84 -2.99 8.24 -16.41
N SER A 85 -3.99 7.39 -16.15
CA SER A 85 -4.32 6.85 -14.82
C SER A 85 -5.18 5.58 -15.01
N GLU A 86 -5.39 4.86 -13.93
CA GLU A 86 -6.27 3.69 -13.87
C GLU A 86 -7.50 4.12 -13.09
N GLN A 87 -8.68 3.60 -13.45
CA GLN A 87 -9.93 3.96 -12.78
C GLN A 87 -10.88 2.80 -12.51
N THR A 88 -11.69 2.93 -11.46
CA THR A 88 -12.84 2.06 -11.30
C THR A 88 -14.04 2.85 -10.78
N TRP A 89 -15.23 2.28 -10.98
CA TRP A 89 -16.49 2.90 -10.56
C TRP A 89 -17.26 2.10 -9.51
N PHE A 90 -17.92 2.81 -8.61
CA PHE A 90 -18.74 2.20 -7.55
C PHE A 90 -20.20 2.45 -7.81
N MET A 91 -21.00 1.39 -7.69
CA MET A 91 -22.45 1.50 -7.74
C MET A 91 -22.96 2.21 -6.49
N PRO A 92 -24.13 2.86 -6.61
CA PRO A 92 -24.81 3.45 -5.44
C PRO A 92 -24.95 2.37 -4.37
N GLY A 93 -24.59 2.69 -3.12
CA GLY A 93 -24.76 1.74 -2.03
C GLY A 93 -23.81 0.54 -2.00
N GLU A 94 -22.80 0.53 -2.88
CA GLU A 94 -21.88 -0.59 -2.96
C GLU A 94 -21.03 -0.71 -1.69
N HIS A 95 -20.65 0.44 -1.16
CA HIS A 95 -19.70 0.52 -0.05
C HIS A 95 -20.03 1.64 0.94
N GLU A 96 -19.91 1.33 2.24
CA GLU A 96 -20.26 2.29 3.25
C GLU A 96 -19.42 3.58 3.19
N VAL A 97 -18.18 3.53 2.74
CA VAL A 97 -17.36 4.76 2.68
C VAL A 97 -17.87 5.64 1.51
N ILE A 98 -18.36 5.04 0.44
CA ILE A 98 -19.03 5.83 -0.61
C ILE A 98 -20.27 6.51 -0.11
N ASP A 99 -21.10 5.75 0.61
CA ASP A 99 -22.25 6.30 1.29
C ASP A 99 -21.86 7.53 2.11
N LYS A 100 -20.76 7.45 2.85
CA LYS A 100 -20.36 8.59 3.68
C LYS A 100 -19.89 9.81 2.88
N ILE A 101 -19.11 9.57 1.83
CA ILE A 101 -18.76 10.66 0.90
C ILE A 101 -20.01 11.38 0.46
N GLN A 102 -21.03 10.62 0.06
CA GLN A 102 -22.20 11.25 -0.53
C GLN A 102 -23.01 11.97 0.51
N LYS A 103 -23.14 11.37 1.68
CA LYS A 103 -23.81 12.04 2.80
C LYS A 103 -23.14 13.38 3.17
N LYS A 104 -21.83 13.41 3.34
CA LYS A 104 -21.15 14.64 3.69
C LYS A 104 -21.15 15.64 2.56
N THR A 105 -21.19 15.15 1.32
CA THR A 105 -21.24 16.06 0.17
C THR A 105 -22.62 16.74 0.18
N ARG A 106 -23.66 15.96 0.40
CA ARG A 106 -25.00 16.53 0.44
C ARG A 106 -25.13 17.56 1.58
N GLU A 107 -24.61 17.23 2.75
CA GLU A 107 -24.67 18.17 3.88
C GLU A 107 -23.91 19.47 3.55
N PHE A 108 -22.79 19.33 2.87
CA PHE A 108 -22.02 20.50 2.38
C PHE A 108 -22.83 21.37 1.40
N LEU A 109 -23.44 20.72 0.43
CA LEU A 109 -24.21 21.44 -0.58
C LEU A 109 -25.44 22.08 0.08
N ASN A 110 -25.89 21.54 1.20
CA ASN A 110 -27.04 22.13 1.90
C ASN A 110 -26.76 23.53 2.47
N SER A 111 -25.48 23.89 2.61
CA SER A 111 -25.09 25.26 2.99
C SER A 111 -25.05 26.21 1.78
N LYS A 112 -25.37 25.69 0.60
CA LYS A 112 -25.25 26.45 -0.63
C LYS A 112 -26.58 26.47 -1.35
N LYS A 113 -27.66 26.42 -0.59
CA LYS A 113 -28.98 26.32 -1.25
C LYS A 113 -29.27 27.55 -2.10
N HIS A 114 -28.65 28.69 -1.81
CA HIS A 114 -28.94 29.86 -2.63
C HIS A 114 -28.16 29.85 -3.97
N CYS A 115 -27.29 28.86 -4.13
CA CYS A 115 -26.51 28.68 -5.34
C CYS A 115 -26.91 27.47 -6.16
N ILE A 116 -27.44 26.43 -5.51
CA ILE A 116 -27.77 25.22 -6.26
C ILE A 116 -29.03 24.62 -5.68
N ASP A 117 -29.94 24.31 -6.59
CA ASP A 117 -31.26 23.71 -6.27
C ASP A 117 -31.16 22.20 -6.48
N LYS A 118 -31.73 21.69 -7.55
CA LYS A 118 -31.76 20.26 -7.78
C LYS A 118 -30.43 19.79 -8.36
N TYR A 119 -29.96 18.64 -7.89
CA TYR A 119 -28.85 17.94 -8.52
C TYR A 119 -28.96 16.44 -8.35
N ASN A 120 -28.09 15.73 -9.07
CA ASN A 120 -27.89 14.30 -8.91
C ASN A 120 -26.43 14.01 -8.61
N PHE A 121 -26.17 12.94 -7.86
CA PHE A 121 -24.82 12.41 -7.69
C PHE A 121 -24.49 11.37 -8.77
N GLU A 122 -23.38 11.58 -9.49
CA GLU A 122 -22.80 10.53 -10.32
C GLU A 122 -22.28 9.37 -9.45
N ASP A 123 -22.20 8.16 -10.01
CA ASP A 123 -21.46 7.10 -9.35
C ASP A 123 -20.04 7.57 -9.03
N VAL A 124 -19.50 7.19 -7.87
CA VAL A 124 -18.16 7.61 -7.50
C VAL A 124 -17.11 6.82 -8.30
N GLN A 125 -16.08 7.55 -8.76
CA GLN A 125 -14.91 7.00 -9.43
C GLN A 125 -13.73 7.04 -8.48
N VAL A 126 -12.97 5.93 -8.39
CA VAL A 126 -11.67 5.96 -7.73
C VAL A 126 -10.58 5.81 -8.80
N ALA A 127 -9.57 6.69 -8.77
CA ALA A 127 -8.50 6.67 -9.74
C ALA A 127 -7.14 6.61 -9.07
N ARG A 128 -6.19 6.02 -9.78
CA ARG A 128 -4.83 5.83 -9.26
C ARG A 128 -3.79 6.28 -10.28
N TYR A 129 -2.77 6.94 -9.77
CA TYR A 129 -1.61 7.39 -10.50
C TYR A 129 -0.33 6.73 -9.95
N LYS A 130 0.36 6.00 -10.84
CA LYS A 130 1.71 5.55 -10.61
C LYS A 130 2.75 6.61 -10.96
N PRO A 131 3.98 6.42 -10.50
CA PRO A 131 4.99 7.39 -10.94
C PRO A 131 4.99 7.60 -12.48
N GLY A 132 5.00 8.84 -12.92
CA GLY A 132 4.98 9.15 -14.32
C GLY A 132 3.58 9.48 -14.81
N GLN A 133 2.57 9.15 -14.00
CA GLN A 133 1.18 9.31 -14.42
C GLN A 133 0.63 10.67 -13.96
N TYR A 134 -0.35 11.15 -14.72
CA TYR A 134 -0.80 12.54 -14.62
C TYR A 134 -2.11 12.69 -15.38
N TYR A 135 -2.74 13.85 -15.25
CA TYR A 135 -4.01 14.19 -15.96
C TYR A 135 -3.83 15.62 -16.47
N TYR A 136 -3.56 15.78 -17.78
CA TYR A 136 -3.37 17.10 -18.40
C TYR A 136 -4.54 18.06 -18.17
N HIS A 137 -4.29 19.37 -18.16
CA HIS A 137 -5.34 20.32 -17.79
C HIS A 137 -6.61 20.21 -18.65
N HIS A 138 -7.72 20.31 -17.95
CA HIS A 138 -9.03 20.14 -18.57
C HIS A 138 -10.09 20.80 -17.69
N TYR A 139 -11.31 20.84 -18.21
CA TYR A 139 -12.50 21.11 -17.39
C TYR A 139 -13.29 19.81 -17.14
N ASP A 140 -14.03 19.74 -16.05
CA ASP A 140 -14.78 18.52 -15.74
C ASP A 140 -16.17 18.49 -16.40
N GLY A 141 -16.51 19.54 -17.12
CA GLY A 141 -17.77 19.56 -17.86
C GLY A 141 -17.52 19.86 -19.31
N ASP A 142 -18.62 19.92 -20.05
CA ASP A 142 -18.65 20.21 -21.47
C ASP A 142 -18.59 21.72 -21.78
N ASP A 143 -17.60 22.16 -22.55
CA ASP A 143 -17.56 23.56 -22.94
C ASP A 143 -18.69 23.88 -23.93
N CYS A 144 -19.58 24.75 -23.50
CA CYS A 144 -20.84 24.98 -24.21
C CYS A 144 -21.30 26.43 -24.07
N ASP A 145 -22.15 26.86 -25.01
CA ASP A 145 -22.74 28.18 -24.94
C ASP A 145 -24.24 28.05 -25.16
N ASP A 146 -24.65 27.69 -26.37
CA ASP A 146 -26.06 27.66 -26.67
C ASP A 146 -26.68 26.26 -26.66
N ALA A 147 -25.87 25.25 -26.42
CA ALA A 147 -26.35 23.88 -26.39
C ALA A 147 -25.78 23.11 -25.20
N CYS A 148 -25.89 23.68 -24.02
CA CYS A 148 -25.29 23.06 -22.84
C CYS A 148 -26.08 21.81 -22.48
N PRO A 149 -25.38 20.71 -22.18
CA PRO A 149 -26.12 19.46 -21.88
C PRO A 149 -27.01 19.60 -20.65
N LYS A 150 -28.12 18.88 -20.65
CA LYS A 150 -29.07 19.05 -19.58
C LYS A 150 -28.52 18.42 -18.29
N ASP A 151 -27.58 17.48 -18.41
CA ASP A 151 -27.01 16.81 -17.25
C ASP A 151 -25.56 17.22 -17.02
N GLN A 152 -25.26 18.48 -17.38
CA GLN A 152 -23.93 19.04 -17.21
C GLN A 152 -23.42 18.81 -15.79
N ARG A 153 -22.15 18.45 -15.65
CA ARG A 153 -21.49 18.43 -14.35
C ARG A 153 -21.40 19.87 -13.79
N LEU A 154 -21.97 20.08 -12.61
CA LEU A 154 -21.94 21.42 -11.99
C LEU A 154 -20.79 21.63 -11.00
N ALA A 155 -20.33 20.56 -10.38
CA ALA A 155 -19.33 20.66 -9.35
C ALA A 155 -18.66 19.32 -9.14
N THR A 156 -17.51 19.38 -8.49
CA THR A 156 -16.69 18.23 -8.14
C THR A 156 -16.30 18.22 -6.67
N LEU A 157 -16.45 17.07 -5.99
CA LEU A 157 -15.88 16.86 -4.67
C LEU A 157 -14.88 15.70 -4.83
N MET A 158 -13.62 16.01 -4.64
CA MET A 158 -12.55 15.03 -4.84
C MET A 158 -11.86 14.80 -3.47
N VAL A 159 -11.70 13.54 -3.11
CA VAL A 159 -11.01 13.18 -1.85
C VAL A 159 -9.69 12.52 -2.15
N TYR A 160 -8.61 12.99 -1.51
CA TYR A 160 -7.30 12.28 -1.61
C TYR A 160 -7.33 11.08 -0.67
N LEU A 161 -7.25 9.87 -1.25
CA LEU A 161 -7.21 8.66 -0.43
C LEU A 161 -5.80 8.28 -0.06
N LYS A 162 -4.85 8.56 -0.96
CA LYS A 162 -3.45 8.29 -0.73
C LYS A 162 -2.60 9.36 -1.44
N ALA A 163 -1.66 9.93 -0.70
CA ALA A 163 -0.76 10.95 -1.24
C ALA A 163 0.61 10.40 -1.63
N PRO A 164 1.29 11.05 -2.59
CA PRO A 164 2.68 10.75 -2.98
C PRO A 164 3.59 10.85 -1.80
N GLU A 165 4.80 10.34 -2.01
CA GLU A 165 5.86 10.44 -1.04
C GLU A 165 6.38 11.89 -0.88
N GLU A 166 7.32 12.10 0.05
CA GLU A 166 7.92 13.41 0.24
C GLU A 166 8.59 13.84 -1.07
N GLY A 167 8.31 15.04 -1.55
CA GLY A 167 8.84 15.48 -2.82
C GLY A 167 8.20 14.76 -4.00
N GLY A 168 7.02 14.21 -3.76
CA GLY A 168 6.44 13.30 -4.74
C GLY A 168 5.54 13.89 -5.80
N GLY A 169 5.38 15.19 -5.85
CA GLY A 169 4.57 15.83 -6.88
C GLY A 169 3.11 15.46 -6.71
N GLY A 170 2.42 15.28 -7.83
CA GLY A 170 1.02 14.88 -7.81
C GLY A 170 0.09 15.95 -7.26
N GLU A 171 0.49 17.21 -7.34
CA GLU A 171 -0.44 18.25 -6.91
C GLU A 171 -1.67 18.36 -7.84
N THR A 172 -2.75 18.92 -7.30
CA THR A 172 -3.88 19.35 -8.12
C THR A 172 -3.65 20.81 -8.44
N ASP A 173 -3.53 21.14 -9.74
CA ASP A 173 -3.18 22.46 -10.19
C ASP A 173 -4.44 23.18 -10.71
N PHE A 174 -4.64 24.42 -10.24
CA PHE A 174 -5.64 25.32 -10.82
C PHE A 174 -4.87 26.50 -11.39
N PRO A 175 -4.38 26.38 -12.64
CA PRO A 175 -3.43 27.38 -13.15
C PRO A 175 -3.99 28.78 -13.27
N THR A 176 -5.27 28.93 -13.58
CA THR A 176 -5.86 30.25 -13.74
C THR A 176 -6.04 30.92 -12.38
N LEU A 177 -6.17 30.12 -11.33
CA LEU A 177 -6.28 30.67 -10.01
C LEU A 177 -4.93 30.77 -9.32
N LYS A 178 -3.87 30.32 -9.98
CA LYS A 178 -2.49 30.37 -9.46
C LYS A 178 -2.40 29.71 -8.11
N THR A 179 -3.08 28.57 -8.00
CA THR A 179 -2.98 27.76 -6.82
C THR A 179 -2.83 26.24 -7.12
N LYS A 180 -1.94 25.59 -6.38
CA LYS A 180 -1.74 24.13 -6.40
C LYS A 180 -1.97 23.54 -5.03
N ILE A 181 -2.82 22.51 -4.95
CA ILE A 181 -3.14 21.82 -3.69
C ILE A 181 -2.35 20.52 -3.52
N LYS A 182 -1.69 20.36 -2.37
CA LYS A 182 -0.83 19.19 -2.14
C LYS A 182 -1.72 18.05 -1.59
N PRO A 183 -1.67 16.85 -2.22
CA PRO A 183 -2.48 15.76 -1.68
C PRO A 183 -2.17 15.50 -0.24
N LYS A 184 -3.22 15.24 0.52
CA LYS A 184 -3.11 14.80 1.93
C LYS A 184 -4.21 13.79 2.19
N LYS A 185 -3.89 12.63 2.78
CA LYS A 185 -4.86 11.58 3.07
C LYS A 185 -6.02 12.14 3.87
N GLY A 186 -7.21 11.95 3.30
CA GLY A 186 -8.43 12.34 3.94
C GLY A 186 -8.97 13.70 3.61
N THR A 187 -8.16 14.54 2.99
CA THR A 187 -8.54 15.90 2.60
C THR A 187 -9.38 15.88 1.36
N SER A 188 -10.41 16.71 1.35
CA SER A 188 -11.21 16.91 0.13
C SER A 188 -10.96 18.29 -0.46
N ILE A 189 -11.14 18.37 -1.78
CA ILE A 189 -11.20 19.63 -2.51
C ILE A 189 -12.53 19.64 -3.23
N PHE A 190 -13.34 20.63 -2.92
CA PHE A 190 -14.59 20.93 -3.66
C PHE A 190 -14.33 22.07 -4.68
N PHE A 191 -14.79 21.94 -5.93
CA PHE A 191 -14.75 23.08 -6.79
C PHE A 191 -15.92 23.14 -7.75
N TRP A 192 -16.29 24.36 -8.09
CA TRP A 192 -17.38 24.59 -9.04
C TRP A 192 -16.91 24.35 -10.48
N VAL A 193 -17.75 23.67 -11.24
CA VAL A 193 -17.46 23.32 -12.65
C VAL A 193 -18.32 24.15 -13.63
N ALA A 194 -19.60 24.30 -13.31
CA ALA A 194 -20.51 25.04 -14.19
C ALA A 194 -21.61 25.74 -13.38
N ASP A 195 -22.23 26.72 -14.04
CA ASP A 195 -23.25 27.56 -13.47
C ASP A 195 -24.56 26.78 -13.41
N PRO A 196 -25.17 26.61 -12.22
CA PRO A 196 -26.39 25.82 -12.15
C PRO A 196 -27.55 26.35 -12.99
N VAL A 197 -27.56 27.64 -13.32
CA VAL A 197 -28.67 28.24 -14.06
C VAL A 197 -28.44 28.02 -15.55
N THR A 198 -27.30 28.46 -16.05
CA THR A 198 -27.01 28.38 -17.50
C THR A 198 -26.35 27.08 -17.95
N ARG A 199 -25.76 26.38 -16.99
CA ARG A 199 -24.87 25.22 -17.22
C ARG A 199 -23.61 25.53 -18.08
N LYS A 200 -23.26 26.80 -18.24
CA LYS A 200 -21.99 27.17 -18.86
C LYS A 200 -20.82 26.96 -17.87
N LEU A 201 -19.65 26.59 -18.38
CA LEU A 201 -18.50 26.36 -17.53
C LEU A 201 -17.97 27.63 -16.82
N TYR A 202 -17.49 27.44 -15.60
CA TYR A 202 -16.57 28.42 -14.99
C TYR A 202 -15.18 28.05 -15.51
N LYS A 203 -14.64 28.75 -16.50
CA LYS A 203 -13.32 28.37 -17.00
C LYS A 203 -12.20 28.69 -16.00
N GLU A 204 -12.51 29.44 -14.93
CA GLU A 204 -11.57 29.63 -13.81
C GLU A 204 -11.09 28.34 -13.13
N THR A 205 -11.82 27.25 -13.26
CA THR A 205 -11.45 26.01 -12.59
C THR A 205 -10.94 24.96 -13.55
N LEU A 206 -10.34 25.43 -14.65
CA LEU A 206 -9.35 24.62 -15.40
C LEU A 206 -8.41 23.98 -14.38
N HIS A 207 -8.25 22.69 -14.47
CA HIS A 207 -7.35 22.03 -13.49
C HIS A 207 -6.64 20.81 -14.08
N ALA A 208 -5.63 20.34 -13.35
CA ALA A 208 -4.82 19.21 -13.77
C ALA A 208 -4.35 18.43 -12.57
N GLY A 209 -4.08 17.15 -12.76
CA GLY A 209 -3.31 16.42 -11.78
C GLY A 209 -1.88 16.35 -12.29
N LEU A 210 -0.94 16.93 -11.56
CA LEU A 210 0.44 16.98 -11.99
C LEU A 210 1.15 15.64 -11.87
N PRO A 211 2.26 15.47 -12.59
CA PRO A 211 2.84 14.13 -12.52
C PRO A 211 3.29 13.67 -11.14
N VAL A 212 3.07 12.39 -10.86
CA VAL A 212 3.56 11.79 -9.64
C VAL A 212 5.02 11.43 -9.88
N LYS A 213 5.89 11.84 -8.96
CA LYS A 213 7.32 11.54 -9.08
C LYS A 213 7.71 10.33 -8.25
N SER A 214 7.07 10.18 -7.11
CA SER A 214 7.40 9.05 -6.28
C SER A 214 6.21 8.62 -5.41
N GLY A 215 6.10 7.33 -5.21
CA GLY A 215 4.99 6.81 -4.45
C GLY A 215 3.80 6.61 -5.35
N GLU A 216 2.61 6.84 -4.81
CA GLU A 216 1.40 6.74 -5.58
C GLU A 216 0.37 7.73 -5.09
N LYS A 217 -0.61 7.99 -5.95
CA LYS A 217 -1.68 8.93 -5.64
C LYS A 217 -3.01 8.23 -5.97
N ILE A 218 -3.92 8.22 -5.01
CA ILE A 218 -5.26 7.65 -5.21
C ILE A 218 -6.29 8.70 -4.78
N ILE A 219 -7.27 8.97 -5.65
CA ILE A 219 -8.37 9.87 -5.38
C ILE A 219 -9.74 9.19 -5.56
N ALA A 220 -10.74 9.77 -4.92
CA ALA A 220 -12.17 9.51 -5.15
C ALA A 220 -12.88 10.77 -5.66
N ASN A 221 -13.49 10.64 -6.83
CA ASN A 221 -14.23 11.75 -7.47
C ASN A 221 -15.71 11.58 -7.34
N GLN A 222 -16.33 12.54 -6.67
CA GLN A 222 -17.81 12.64 -6.60
C GLN A 222 -18.27 13.82 -7.46
N TRP A 223 -18.79 13.54 -8.63
CA TRP A 223 -19.31 14.60 -9.51
C TRP A 223 -20.80 14.83 -9.20
N ILE A 224 -21.19 16.09 -9.35
CA ILE A 224 -22.51 16.65 -9.08
C ILE A 224 -23.05 17.15 -10.43
N ARG A 225 -24.18 16.58 -10.83
CA ARG A 225 -24.80 16.86 -12.10
C ARG A 225 -26.14 17.60 -12.08
N ALA A 226 -26.33 18.47 -13.06
CA ALA A 226 -27.65 19.06 -13.30
C ALA A 226 -28.70 17.98 -13.62
N VAL A 227 -29.97 18.31 -13.39
CA VAL A 227 -31.10 17.38 -13.54
C VAL A 227 -31.91 17.70 -14.78
N GLY B 31 32.26 -8.52 15.90
CA GLY B 31 31.01 -7.87 15.48
C GLY B 31 30.22 -8.62 14.43
N VAL B 32 28.95 -8.25 14.25
CA VAL B 32 28.16 -8.82 13.19
C VAL B 32 28.83 -8.54 11.86
N CYS B 33 28.70 -9.49 10.95
CA CYS B 33 29.27 -9.43 9.60
C CYS B 33 29.08 -8.10 8.86
N ASP B 34 30.20 -7.41 8.62
CA ASP B 34 30.19 -6.15 7.89
C ASP B 34 29.34 -5.06 8.55
N GLY B 35 28.97 -5.26 9.82
CA GLY B 35 28.06 -4.33 10.49
C GLY B 35 26.63 -4.38 10.02
N LYS B 36 26.28 -5.36 9.17
CA LYS B 36 24.97 -5.35 8.58
C LYS B 36 24.09 -6.37 9.27
N TYR B 37 23.38 -5.95 10.32
CA TYR B 37 22.50 -6.88 11.02
C TYR B 37 21.38 -7.49 10.14
N TYR B 38 20.86 -6.72 9.20
CA TYR B 38 19.83 -7.19 8.27
C TYR B 38 20.08 -6.55 6.90
N GLU B 39 19.61 -7.22 5.86
CA GLU B 39 19.63 -6.69 4.50
C GLU B 39 18.32 -7.07 3.81
N LYS B 40 17.78 -6.16 3.01
CA LYS B 40 16.49 -6.35 2.31
C LYS B 40 16.78 -6.44 0.83
N ILE B 41 16.18 -7.43 0.16
CA ILE B 41 16.34 -7.64 -1.28
C ILE B 41 14.97 -7.66 -1.94
N ASP B 42 14.67 -6.68 -2.78
CA ASP B 42 13.37 -6.70 -3.49
C ASP B 42 13.52 -7.65 -4.69
N GLY B 43 12.42 -8.33 -5.02
CA GLY B 43 12.37 -9.28 -6.12
C GLY B 43 13.25 -10.51 -5.98
N PHE B 44 13.47 -10.92 -4.73
CA PHE B 44 14.17 -12.17 -4.43
C PHE B 44 13.44 -13.35 -5.11
N LEU B 45 12.11 -13.37 -4.98
CA LEU B 45 11.28 -14.22 -5.83
C LEU B 45 10.34 -13.41 -6.70
N SER B 46 10.00 -13.96 -7.88
CA SER B 46 9.00 -13.32 -8.71
C SER B 46 7.61 -13.42 -8.10
N ASP B 47 6.70 -12.58 -8.55
CA ASP B 47 5.34 -12.67 -8.09
C ASP B 47 4.73 -14.03 -8.40
N ILE B 48 4.96 -14.58 -9.59
CA ILE B 48 4.34 -15.86 -9.95
C ILE B 48 4.96 -16.99 -9.09
N GLU B 49 6.27 -16.94 -8.81
CA GLU B 49 6.86 -17.92 -7.89
C GLU B 49 6.25 -17.85 -6.48
N CYS B 50 6.01 -16.66 -5.95
CA CYS B 50 5.35 -16.52 -4.63
C CYS B 50 3.99 -17.23 -4.63
N ASP B 51 3.20 -17.01 -5.69
CA ASP B 51 1.87 -17.58 -5.77
C ASP B 51 1.90 -19.10 -5.88
N VAL B 52 2.82 -19.63 -6.69
CA VAL B 52 3.03 -21.08 -6.83
C VAL B 52 3.33 -21.70 -5.45
N LEU B 53 4.20 -21.05 -4.68
CA LEU B 53 4.55 -21.57 -3.36
C LEU B 53 3.35 -21.46 -2.40
N ILE B 54 2.65 -20.34 -2.38
CA ILE B 54 1.44 -20.23 -1.57
C ILE B 54 0.48 -21.35 -1.89
N ASN B 55 0.26 -21.62 -3.16
CA ASN B 55 -0.72 -22.63 -3.51
C ASN B 55 -0.27 -24.03 -3.03
N ALA B 56 1.04 -24.31 -3.04
CA ALA B 56 1.53 -25.60 -2.64
C ALA B 56 1.36 -25.72 -1.13
N ALA B 57 1.56 -24.62 -0.42
CA ALA B 57 1.38 -24.63 1.05
C ALA B 57 -0.10 -24.82 1.45
N ILE B 58 -1.01 -24.18 0.72
CA ILE B 58 -2.44 -24.39 0.93
C ILE B 58 -2.81 -25.84 0.76
N LYS B 59 -2.28 -26.49 -0.27
CA LYS B 59 -2.53 -27.90 -0.56
C LYS B 59 -1.97 -28.85 0.50
N LYS B 60 -1.03 -28.36 1.30
CA LYS B 60 -0.51 -29.10 2.44
C LYS B 60 -1.32 -28.81 3.72
N GLY B 61 -2.33 -27.94 3.62
CA GLY B 61 -3.24 -27.71 4.73
C GLY B 61 -2.97 -26.43 5.53
N LEU B 62 -2.23 -25.49 4.93
CA LEU B 62 -1.87 -24.26 5.62
C LEU B 62 -3.09 -23.55 6.22
N ILE B 63 -4.20 -23.51 5.51
CA ILE B 63 -5.38 -22.84 6.05
C ILE B 63 -6.28 -23.86 6.76
N ARG B 83 3.62 -17.06 19.59
CA ARG B 83 3.36 -17.13 18.15
C ARG B 83 1.90 -17.49 17.90
N ASN B 84 1.27 -16.71 17.05
CA ASN B 84 -0.14 -16.81 16.74
C ASN B 84 -0.26 -16.80 15.23
N SER B 85 -0.08 -17.98 14.62
CA SER B 85 -0.09 -18.16 13.18
C SER B 85 -0.26 -19.64 12.82
N GLU B 86 -0.41 -19.91 11.53
CA GLU B 86 -0.49 -21.29 11.01
C GLU B 86 0.81 -21.57 10.24
N GLN B 87 1.31 -22.82 10.26
CA GLN B 87 2.58 -23.13 9.54
C GLN B 87 2.54 -24.49 8.86
N THR B 88 3.37 -24.66 7.83
CA THR B 88 3.63 -25.98 7.28
C THR B 88 5.12 -26.05 6.91
N TRP B 89 5.65 -27.25 6.75
CA TRP B 89 7.07 -27.47 6.42
C TRP B 89 7.23 -28.23 5.10
N PHE B 90 8.23 -27.83 4.32
CA PHE B 90 8.62 -28.48 3.09
C PHE B 90 9.83 -29.34 3.23
N MET B 91 9.80 -30.52 2.63
CA MET B 91 11.00 -31.39 2.56
C MET B 91 11.99 -30.85 1.54
N PRO B 92 13.29 -31.18 1.69
CA PRO B 92 14.28 -30.89 0.65
C PRO B 92 13.80 -31.39 -0.72
N GLY B 93 13.81 -30.54 -1.73
CA GLY B 93 13.44 -31.01 -3.04
C GLY B 93 11.96 -31.19 -3.30
N GLU B 94 11.11 -30.82 -2.33
CA GLU B 94 9.68 -31.05 -2.48
C GLU B 94 9.10 -30.18 -3.59
N HIS B 95 9.69 -28.99 -3.77
CA HIS B 95 9.15 -28.01 -4.69
C HIS B 95 10.23 -27.15 -5.32
N GLU B 96 10.09 -26.86 -6.62
CA GLU B 96 11.11 -26.09 -7.32
C GLU B 96 11.34 -24.69 -6.76
N VAL B 97 10.34 -24.06 -6.15
CA VAL B 97 10.47 -22.67 -5.63
C VAL B 97 11.25 -22.75 -4.32
N ILE B 98 11.14 -23.86 -3.61
CA ILE B 98 12.00 -24.12 -2.43
C ILE B 98 13.47 -24.27 -2.84
N ASP B 99 13.71 -25.13 -3.83
CA ASP B 99 15.06 -25.28 -4.40
C ASP B 99 15.64 -23.88 -4.76
N LYS B 100 14.83 -23.05 -5.38
CA LYS B 100 15.29 -21.74 -5.74
C LYS B 100 15.63 -20.85 -4.55
N ILE B 101 14.77 -20.85 -3.54
CA ILE B 101 15.07 -20.09 -2.31
C ILE B 101 16.43 -20.51 -1.76
N GLN B 102 16.67 -21.80 -1.73
CA GLN B 102 17.91 -22.30 -1.14
C GLN B 102 19.10 -22.00 -2.04
N LYS B 103 18.92 -22.11 -3.34
CA LYS B 103 20.03 -21.79 -4.23
C LYS B 103 20.42 -20.33 -4.10
N LYS B 104 19.42 -19.45 -4.08
CA LYS B 104 19.68 -18.03 -3.96
C LYS B 104 20.20 -17.65 -2.57
N THR B 105 19.81 -18.37 -1.52
CA THR B 105 20.36 -18.08 -0.19
C THR B 105 21.84 -18.49 -0.14
N ARG B 106 22.17 -19.65 -0.71
CA ARG B 106 23.54 -20.12 -0.77
C ARG B 106 24.42 -19.13 -1.52
N GLU B 107 23.90 -18.63 -2.63
CA GLU B 107 24.64 -17.67 -3.41
C GLU B 107 24.89 -16.38 -2.64
N PHE B 108 23.89 -15.93 -1.90
CA PHE B 108 24.07 -14.75 -1.04
C PHE B 108 25.15 -14.99 0.03
N LEU B 109 25.07 -16.12 0.72
CA LEU B 109 26.02 -16.43 1.80
C LEU B 109 27.43 -16.61 1.27
N ASN B 110 27.55 -17.00 -0.01
CA ASN B 110 28.86 -17.11 -0.68
C ASN B 110 29.62 -15.78 -0.72
N SER B 111 28.94 -14.64 -0.63
CA SER B 111 29.64 -13.36 -0.56
C SER B 111 29.97 -12.98 0.91
N LYS B 112 29.62 -13.84 1.86
CA LYS B 112 29.99 -13.64 3.27
C LYS B 112 30.99 -14.70 3.75
N LYS B 113 31.93 -15.11 2.89
CA LYS B 113 32.80 -16.21 3.25
C LYS B 113 33.60 -15.90 4.51
N HIS B 114 33.88 -14.62 4.73
CA HIS B 114 34.80 -14.28 5.79
C HIS B 114 34.06 -14.29 7.11
N CYS B 115 32.75 -14.36 7.03
CA CYS B 115 31.87 -14.35 8.19
C CYS B 115 31.35 -15.71 8.61
N ILE B 116 31.17 -16.59 7.64
CA ILE B 116 30.56 -17.89 7.95
C ILE B 116 31.20 -18.97 7.07
N ASP B 117 31.51 -20.10 7.67
CA ASP B 117 32.16 -21.19 6.97
C ASP B 117 31.13 -22.31 6.75
N LYS B 118 31.00 -23.23 7.69
CA LYS B 118 30.10 -24.35 7.50
C LYS B 118 28.68 -24.01 7.99
N TYR B 119 27.68 -24.44 7.26
CA TYR B 119 26.30 -24.30 7.74
C TYR B 119 25.43 -25.36 7.06
N ASN B 120 24.23 -25.61 7.62
CA ASN B 120 23.21 -26.46 7.00
C ASN B 120 21.92 -25.63 6.85
N PHE B 121 21.12 -25.95 5.83
CA PHE B 121 19.76 -25.39 5.71
C PHE B 121 18.73 -26.21 6.46
N GLU B 122 17.96 -25.54 7.30
CA GLU B 122 16.73 -26.11 7.86
C GLU B 122 15.68 -26.32 6.76
N ASP B 123 14.74 -27.28 6.96
CA ASP B 123 13.59 -27.36 6.02
C ASP B 123 12.89 -26.00 6.03
N VAL B 124 12.36 -25.59 4.86
CA VAL B 124 11.68 -24.32 4.75
C VAL B 124 10.29 -24.41 5.39
N GLN B 125 9.94 -23.39 6.14
CA GLN B 125 8.63 -23.27 6.76
C GLN B 125 7.85 -22.18 6.05
N VAL B 126 6.55 -22.42 5.80
CA VAL B 126 5.70 -21.35 5.25
C VAL B 126 4.68 -21.11 6.35
N ALA B 127 4.51 -19.83 6.69
CA ALA B 127 3.56 -19.43 7.76
C ALA B 127 2.57 -18.37 7.24
N ARG B 128 1.36 -18.44 7.81
CA ARG B 128 0.27 -17.50 7.47
C ARG B 128 -0.24 -16.79 8.71
N TYR B 129 -0.55 -15.51 8.55
CA TYR B 129 -1.24 -14.71 9.54
C TYR B 129 -2.54 -14.20 8.93
N LYS B 130 -3.67 -14.51 9.57
CA LYS B 130 -4.91 -13.81 9.23
C LYS B 130 -5.12 -12.60 10.16
N PRO B 131 -6.14 -11.78 9.90
CA PRO B 131 -6.26 -10.58 10.75
C PRO B 131 -6.37 -10.91 12.24
N GLY B 132 -5.67 -10.15 13.06
CA GLY B 132 -5.59 -10.46 14.46
C GLY B 132 -4.39 -11.31 14.86
N GLN B 133 -3.68 -11.91 13.90
CA GLN B 133 -2.57 -12.81 14.22
C GLN B 133 -1.23 -12.04 14.12
N TYR B 134 -0.24 -12.56 14.83
CA TYR B 134 1.01 -11.83 15.07
C TYR B 134 2.03 -12.82 15.62
N TYR B 135 3.28 -12.35 15.77
CA TYR B 135 4.33 -13.14 16.43
C TYR B 135 5.08 -12.20 17.39
N TYR B 136 4.77 -12.33 18.69
CA TYR B 136 5.42 -11.56 19.75
C TYR B 136 6.97 -11.57 19.72
N HIS B 137 7.59 -10.47 20.16
CA HIS B 137 9.05 -10.34 19.97
C HIS B 137 9.85 -11.46 20.59
N HIS B 138 10.84 -11.91 19.83
CA HIS B 138 11.65 -13.06 20.19
C HIS B 138 12.97 -13.02 19.44
N TYR B 139 13.85 -13.96 19.77
CA TYR B 139 15.05 -14.32 18.99
C TYR B 139 14.82 -15.63 18.26
N ASP B 140 15.41 -15.80 17.09
CA ASP B 140 15.23 -17.05 16.33
C ASP B 140 16.19 -18.18 16.80
N GLY B 141 17.00 -17.91 17.81
CA GLY B 141 17.86 -18.95 18.36
C GLY B 141 17.75 -18.97 19.86
N ASP B 142 18.55 -19.87 20.45
CA ASP B 142 18.59 -20.05 21.89
C ASP B 142 19.51 -19.07 22.61
N ASP B 143 19.00 -18.39 23.63
CA ASP B 143 19.80 -17.47 24.43
C ASP B 143 20.74 -18.27 25.31
N CYS B 144 22.02 -18.30 24.96
CA CYS B 144 22.99 -19.17 25.62
C CYS B 144 24.28 -18.42 25.97
N ASP B 145 25.09 -19.01 26.85
CA ASP B 145 26.42 -18.48 27.13
C ASP B 145 27.47 -19.57 27.00
N ASP B 146 27.51 -20.51 27.93
CA ASP B 146 28.59 -21.51 27.93
C ASP B 146 28.16 -22.87 27.37
N ALA B 147 26.87 -23.00 27.09
CA ALA B 147 26.33 -24.24 26.54
C ALA B 147 25.44 -23.93 25.34
N CYS B 148 25.98 -23.17 24.39
CA CYS B 148 25.25 -22.90 23.17
C CYS B 148 25.08 -24.18 22.34
N PRO B 149 23.87 -24.46 21.88
CA PRO B 149 23.63 -25.65 21.05
C PRO B 149 24.54 -25.68 19.82
N LYS B 150 25.01 -26.85 19.43
CA LYS B 150 25.95 -26.94 18.32
C LYS B 150 25.23 -26.80 16.97
N ASP B 151 23.90 -26.90 16.98
CA ASP B 151 23.12 -26.68 15.76
C ASP B 151 22.30 -25.37 15.85
N GLN B 152 22.81 -24.42 16.64
CA GLN B 152 22.19 -23.09 16.81
C GLN B 152 21.85 -22.43 15.48
N ARG B 153 20.67 -21.86 15.37
CA ARG B 153 20.38 -21.05 14.20
C ARG B 153 21.29 -19.82 14.16
N LEU B 154 21.97 -19.59 13.03
CA LEU B 154 22.93 -18.47 12.89
C LEU B 154 22.35 -17.30 12.11
N ALA B 155 21.39 -17.57 11.24
CA ALA B 155 20.78 -16.52 10.44
C ALA B 155 19.41 -16.95 9.92
N THR B 156 18.64 -15.96 9.44
CA THR B 156 17.32 -16.11 8.86
C THR B 156 17.23 -15.41 7.52
N LEU B 157 16.72 -16.11 6.51
CA LEU B 157 16.31 -15.47 5.24
C LEU B 157 14.81 -15.69 5.11
N MET B 158 14.05 -14.60 5.25
CA MET B 158 12.61 -14.69 5.21
C MET B 158 12.12 -14.00 3.94
N VAL B 159 11.21 -14.66 3.21
CA VAL B 159 10.58 -14.07 2.00
C VAL B 159 9.12 -13.77 2.29
N TYR B 160 8.64 -12.58 1.90
CA TYR B 160 7.21 -12.25 1.95
C TYR B 160 6.57 -12.79 0.70
N LEU B 161 5.69 -13.77 0.84
CA LEU B 161 4.97 -14.33 -0.29
C LEU B 161 3.65 -13.58 -0.56
N LYS B 162 3.03 -13.06 0.49
CA LYS B 162 1.81 -12.24 0.35
C LYS B 162 1.81 -11.16 1.41
N ALA B 163 1.58 -9.92 0.96
CA ALA B 163 1.54 -8.78 1.86
C ALA B 163 0.08 -8.42 2.29
N PRO B 164 -0.07 -7.81 3.46
CA PRO B 164 -1.38 -7.31 3.87
C PRO B 164 -1.91 -6.27 2.94
N GLU B 165 -3.17 -5.93 3.15
CA GLU B 165 -3.81 -4.85 2.38
C GLU B 165 -3.24 -3.46 2.74
N GLU B 166 -3.68 -2.41 2.03
CA GLU B 166 -3.30 -1.04 2.40
C GLU B 166 -3.72 -0.71 3.86
N GLY B 167 -2.80 -0.14 4.64
CA GLY B 167 -3.03 0.10 6.06
C GLY B 167 -3.18 -1.17 6.87
N GLY B 168 -2.62 -2.27 6.33
CA GLY B 168 -2.91 -3.61 6.81
C GLY B 168 -1.99 -4.16 7.87
N GLY B 169 -1.00 -3.38 8.25
CA GLY B 169 -0.16 -3.77 9.38
C GLY B 169 0.77 -4.89 8.98
N GLY B 170 1.02 -5.81 9.91
CA GLY B 170 1.90 -6.96 9.58
C GLY B 170 3.38 -6.65 9.35
N GLU B 171 3.89 -5.53 9.87
CA GLU B 171 5.31 -5.25 9.65
C GLU B 171 6.19 -6.26 10.40
N THR B 172 7.41 -6.46 9.90
CA THR B 172 8.46 -7.10 10.69
C THR B 172 9.18 -5.99 11.44
N ASP B 173 9.13 -6.07 12.75
CA ASP B 173 9.71 -5.07 13.62
C ASP B 173 11.05 -5.55 14.19
N PHE B 174 12.04 -4.68 14.18
CA PHE B 174 13.30 -4.89 14.87
C PHE B 174 13.44 -3.76 15.88
N PRO B 175 12.86 -3.93 17.07
CA PRO B 175 12.71 -2.76 17.96
C PRO B 175 14.01 -2.12 18.43
N THR B 176 15.04 -2.94 18.59
CA THR B 176 16.32 -2.45 19.07
C THR B 176 17.03 -1.65 17.99
N LEU B 177 16.79 -1.98 16.72
CA LEU B 177 17.35 -1.23 15.62
C LEU B 177 16.43 -0.07 15.16
N LYS B 178 15.26 0.07 15.80
CA LYS B 178 14.29 1.10 15.45
C LYS B 178 13.93 1.11 13.98
N THR B 179 13.69 -0.08 13.44
CA THR B 179 13.33 -0.31 12.06
C THR B 179 12.17 -1.29 11.96
N LYS B 180 11.19 -0.94 11.14
CA LYS B 180 10.06 -1.81 10.82
C LYS B 180 10.05 -2.00 9.31
N ILE B 181 9.89 -3.23 8.87
CA ILE B 181 9.91 -3.55 7.43
C ILE B 181 8.47 -3.83 6.96
N LYS B 182 8.09 -3.21 5.86
CA LYS B 182 6.77 -3.37 5.29
C LYS B 182 6.76 -4.61 4.39
N PRO B 183 5.88 -5.60 4.63
CA PRO B 183 5.87 -6.68 3.63
C PRO B 183 5.62 -6.21 2.20
N LYS B 184 6.30 -6.88 1.29
CA LYS B 184 6.09 -6.67 -0.15
C LYS B 184 6.31 -7.99 -0.84
N LYS B 185 5.37 -8.39 -1.69
CA LYS B 185 5.45 -9.68 -2.37
C LYS B 185 6.79 -9.81 -3.09
N GLY B 186 7.50 -10.90 -2.76
CA GLY B 186 8.75 -11.23 -3.37
C GLY B 186 10.01 -10.70 -2.72
N THR B 187 9.84 -9.77 -1.79
CA THR B 187 10.92 -9.19 -1.03
C THR B 187 11.38 -10.13 0.07
N SER B 188 12.69 -10.24 0.20
CA SER B 188 13.28 -10.99 1.32
C SER B 188 13.96 -10.06 2.31
N ILE B 189 14.11 -10.55 3.53
CA ILE B 189 14.86 -9.89 4.58
C ILE B 189 15.77 -10.98 5.13
N PHE B 190 17.04 -10.68 5.13
CA PHE B 190 18.05 -11.55 5.71
C PHE B 190 18.47 -10.89 7.00
N PHE B 191 18.56 -11.65 8.10
CA PHE B 191 19.18 -11.09 9.30
C PHE B 191 19.99 -12.14 10.07
N TRP B 192 21.02 -11.64 10.74
CA TRP B 192 21.90 -12.49 11.57
C TRP B 192 21.22 -12.78 12.89
N VAL B 193 21.37 -14.01 13.37
CA VAL B 193 20.72 -14.47 14.61
C VAL B 193 21.78 -14.75 15.67
N ALA B 194 22.89 -15.38 15.26
CA ALA B 194 23.97 -15.69 16.21
C ALA B 194 25.35 -15.66 15.57
N ASP B 195 26.39 -15.54 16.40
CA ASP B 195 27.74 -15.48 15.90
C ASP B 195 28.19 -16.86 15.48
N PRO B 196 28.66 -17.00 14.23
CA PRO B 196 29.09 -18.33 13.77
C PRO B 196 30.24 -18.97 14.53
N VAL B 197 31.09 -18.19 15.21
CA VAL B 197 32.15 -18.79 16.02
C VAL B 197 31.62 -19.27 17.38
N THR B 198 31.04 -18.35 18.15
CA THR B 198 30.63 -18.64 19.51
C THR B 198 29.22 -19.19 19.61
N ARG B 199 28.40 -18.93 18.58
CA ARG B 199 26.99 -19.36 18.55
C ARG B 199 26.12 -18.57 19.56
N LYS B 200 26.68 -17.53 20.18
CA LYS B 200 25.88 -16.65 21.07
C LYS B 200 25.02 -15.70 20.24
N LEU B 201 23.86 -15.34 20.77
CA LEU B 201 22.91 -14.51 20.04
C LEU B 201 23.39 -13.05 19.81
N TYR B 202 23.07 -12.49 18.65
CA TYR B 202 23.09 -11.04 18.48
C TYR B 202 21.76 -10.52 19.00
N LYS B 203 21.72 -9.92 20.18
CA LYS B 203 20.41 -9.50 20.70
C LYS B 203 19.87 -8.25 19.96
N GLU B 204 20.69 -7.60 19.15
CA GLU B 204 20.22 -6.51 18.33
C GLU B 204 19.10 -6.94 17.36
N THR B 205 18.97 -8.25 17.05
CA THR B 205 17.96 -8.68 16.09
C THR B 205 16.79 -9.40 16.73
N LEU B 206 16.53 -9.06 17.98
CA LEU B 206 15.16 -9.21 18.54
C LEU B 206 14.16 -8.74 17.51
N HIS B 207 13.12 -9.53 17.23
CA HIS B 207 12.18 -9.13 16.18
C HIS B 207 10.79 -9.69 16.42
N ALA B 208 9.83 -9.09 15.74
CA ALA B 208 8.43 -9.53 15.86
C ALA B 208 7.69 -9.35 14.53
N GLY B 209 6.71 -10.20 14.34
CA GLY B 209 5.69 -9.95 13.34
C GLY B 209 4.51 -9.19 13.96
N LEU B 210 4.26 -7.96 13.53
CA LEU B 210 3.20 -7.13 14.12
C LEU B 210 1.82 -7.59 13.63
N PRO B 211 0.78 -7.24 14.39
CA PRO B 211 -0.52 -7.77 13.98
C PRO B 211 -0.93 -7.38 12.59
N VAL B 212 -1.60 -8.31 11.93
CA VAL B 212 -2.24 -8.02 10.66
C VAL B 212 -3.60 -7.38 10.96
N LYS B 213 -3.85 -6.24 10.33
CA LYS B 213 -5.11 -5.54 10.51
C LYS B 213 -6.10 -5.92 9.41
N SER B 214 -5.62 -6.07 8.19
CA SER B 214 -6.49 -6.36 7.04
C SER B 214 -5.78 -7.21 6.02
N GLY B 215 -6.53 -8.10 5.36
CA GLY B 215 -5.93 -9.03 4.39
C GLY B 215 -5.26 -10.22 5.07
N GLU B 216 -4.13 -10.62 4.49
CA GLU B 216 -3.40 -11.77 5.01
C GLU B 216 -1.93 -11.53 4.77
N LYS B 217 -1.09 -12.23 5.53
CA LYS B 217 0.38 -12.14 5.39
C LYS B 217 0.88 -13.59 5.31
N ILE B 218 1.71 -13.88 4.31
CA ILE B 218 2.22 -15.24 4.15
C ILE B 218 3.72 -15.11 3.95
N ILE B 219 4.49 -15.88 4.71
CA ILE B 219 5.96 -15.78 4.67
C ILE B 219 6.57 -17.17 4.50
N ALA B 220 7.79 -17.19 3.99
CA ALA B 220 8.63 -18.40 3.91
C ALA B 220 9.92 -18.13 4.70
N ASN B 221 10.23 -19.00 5.65
CA ASN B 221 11.43 -18.85 6.49
C ASN B 221 12.45 -19.87 6.13
N GLN B 222 13.63 -19.44 5.70
CA GLN B 222 14.81 -20.29 5.55
C GLN B 222 15.80 -20.03 6.65
N TRP B 223 15.91 -20.95 7.60
CA TRP B 223 16.86 -20.82 8.70
C TRP B 223 18.14 -21.52 8.32
N ILE B 224 19.23 -20.93 8.81
CA ILE B 224 20.60 -21.32 8.54
C ILE B 224 21.22 -21.77 9.88
N ARG B 225 21.66 -23.01 9.96
CA ARG B 225 22.12 -23.56 11.22
C ARG B 225 23.60 -23.87 11.28
N ALA B 226 24.17 -23.74 12.48
CA ALA B 226 25.50 -24.24 12.72
C ALA B 226 25.56 -25.77 12.55
N VAL B 227 26.79 -26.23 12.32
CA VAL B 227 27.14 -27.62 12.01
C VAL B 227 27.95 -28.19 13.13
N LYS B 228 27.52 -29.35 13.60
CA LYS B 228 28.30 -30.12 14.56
C LYS B 228 29.38 -30.94 13.83
C1 AKG C . -10.24 14.39 -12.49
O1 AKG C . -10.24 13.15 -12.25
O2 AKG C . -11.14 14.86 -13.24
C2 AKG C . -9.12 15.26 -11.99
O5 AKG C . -9.00 16.36 -12.48
C3 AKG C . -8.17 14.73 -10.90
C4 AKG C . -7.18 15.79 -10.46
C5 AKG C . -6.02 15.20 -9.70
O3 AKG C . -5.68 14.00 -9.89
O4 AKG C . -5.41 15.92 -8.86
ZN ZN D . -10.84 16.92 -13.63
MN MN E . -23.65 31.59 0.36
C1 AKG F . 9.59 -15.99 12.55
O1 AKG F . 10.50 -16.44 13.32
O2 AKG F . 8.82 -16.78 11.91
C2 AKG F . 9.34 -14.48 12.46
O5 AKG F . 9.94 -13.73 13.20
C3 AKG F . 8.33 -13.91 11.48
C4 AKG F . 8.36 -12.39 11.52
C5 AKG F . 7.19 -11.87 10.71
O3 AKG F . 7.27 -10.74 10.21
O4 AKG F . 6.19 -12.58 10.55
ZN ZN G . 11.51 -14.99 14.33
#